data_1T63
#
_entry.id   1T63
#
_cell.length_a   54.490
_cell.length_b   67.370
_cell.length_c   70.520
_cell.angle_alpha   90.00
_cell.angle_beta   90.00
_cell.angle_gamma   90.00
#
_symmetry.space_group_name_H-M   'P 21 21 21'
#
loop_
_entity.id
_entity.type
_entity.pdbx_description
1 polymer 'Androgen receptor'
2 polymer 'Nuclear receptor coactivator 2'
3 non-polymer 5-ALPHA-DIHYDROTESTOSTERONE
4 water water
#
loop_
_entity_poly.entity_id
_entity_poly.type
_entity_poly.pdbx_seq_one_letter_code
_entity_poly.pdbx_strand_id
1 'polypeptide(L)'
;CQPIFLNVLEAIEPGVVCAGHDNNQPDSFAALLSSLNELGERQLVHVVKWAKALPGFRNLHVDDQMAVIQYSWMGLMVFA
MGWRSFTNVNSRMLYFAPDLVFNEYRMHKSRMYSQCVRMRHLSQEFGWLQITPQEFLCMKALLLFSIIPVDGLKNQKFFD
ELRMNYIKELDRIIACKRKNPTSCSRRFYQLTKLLDSVQPIARELHQFTFDLLIKSHMVSVDFPEMMAEIISVQVPKILS
GKVKPIYFHTQ
;
A
2 'polypeptide(L)' KENALLRYLLDKDD B
#
loop_
_chem_comp.id
_chem_comp.type
_chem_comp.name
_chem_comp.formula
DHT non-polymer 5-ALPHA-DIHYDROTESTOSTERONE 'C19 H30 O2'
#
# COMPACT_ATOMS: atom_id res chain seq x y z
N CYS A 1 10.27 19.61 22.84
CA CYS A 1 9.59 19.74 21.51
C CYS A 1 9.96 18.55 20.62
N GLN A 2 9.61 17.35 21.08
CA GLN A 2 9.90 16.12 20.35
C GLN A 2 8.79 15.74 19.38
N PRO A 3 9.17 15.10 18.26
CA PRO A 3 8.20 14.69 17.24
C PRO A 3 7.36 13.50 17.70
N ILE A 4 6.37 13.78 18.54
CA ILE A 4 5.49 12.75 19.07
C ILE A 4 4.88 11.91 17.95
N PHE A 5 4.35 12.55 16.92
CA PHE A 5 3.74 11.83 15.81
C PHE A 5 4.76 11.00 15.05
N LEU A 6 5.88 11.63 14.71
CA LEU A 6 6.93 10.93 13.97
C LEU A 6 7.53 9.79 14.77
N ASN A 7 7.68 9.98 16.08
CA ASN A 7 8.20 8.94 16.95
C ASN A 7 7.35 7.70 16.82
N VAL A 8 6.04 7.89 16.89
CA VAL A 8 5.11 6.78 16.79
C VAL A 8 5.23 6.03 15.47
N LEU A 9 5.12 6.73 14.34
CA LEU A 9 5.22 6.10 13.02
C LEU A 9 6.50 5.29 12.85
N GLU A 10 7.59 5.78 13.41
CA GLU A 10 8.88 5.10 13.30
C GLU A 10 8.88 3.84 14.15
N ALA A 11 8.34 3.95 15.36
CA ALA A 11 8.27 2.85 16.30
C ALA A 11 7.43 1.67 15.81
N ILE A 12 6.30 1.96 15.15
CA ILE A 12 5.40 0.91 14.67
C ILE A 12 5.66 0.37 13.26
N GLU A 13 6.63 0.93 12.56
CA GLU A 13 6.96 0.50 11.20
C GLU A 13 7.32 -0.99 11.13
N PRO A 14 6.57 -1.77 10.34
CA PRO A 14 6.81 -3.21 10.19
C PRO A 14 8.25 -3.58 9.82
N GLY A 15 8.65 -4.79 10.16
CA GLY A 15 9.99 -5.25 9.86
C GLY A 15 10.06 -5.94 8.50
N VAL A 16 11.07 -6.80 8.31
CA VAL A 16 11.27 -7.53 7.07
C VAL A 16 10.27 -8.68 6.96
N VAL A 17 9.74 -8.90 5.75
CA VAL A 17 8.79 -9.98 5.53
C VAL A 17 9.22 -10.75 4.29
N CYS A 18 9.42 -12.05 4.44
CA CYS A 18 9.84 -12.86 3.29
C CYS A 18 8.64 -13.53 2.65
N ALA A 19 8.79 -13.92 1.39
CA ALA A 19 7.70 -14.55 0.65
C ALA A 19 7.78 -16.08 0.71
N GLY A 20 8.98 -16.60 0.91
CA GLY A 20 9.17 -18.04 0.95
C GLY A 20 9.34 -18.59 -0.44
N HIS A 21 9.85 -17.78 -1.37
CA HIS A 21 10.06 -18.23 -2.74
C HIS A 21 11.36 -19.01 -2.87
N ASP A 22 11.36 -20.01 -3.74
CA ASP A 22 12.54 -20.85 -3.98
C ASP A 22 13.23 -20.40 -5.26
N ASN A 23 14.18 -19.49 -5.12
CA ASN A 23 14.92 -18.96 -6.26
C ASN A 23 15.75 -20.04 -6.96
N ASN A 24 15.86 -21.20 -6.33
CA ASN A 24 16.63 -22.30 -6.90
C ASN A 24 15.87 -22.97 -8.05
N GLN A 25 14.56 -22.80 -8.07
CA GLN A 25 13.75 -23.39 -9.14
C GLN A 25 13.61 -22.41 -10.30
N PRO A 26 13.59 -22.93 -11.54
CA PRO A 26 13.46 -22.09 -12.73
C PRO A 26 12.21 -21.21 -12.64
N ASP A 27 12.34 -19.95 -13.07
CA ASP A 27 11.21 -19.02 -13.02
C ASP A 27 10.08 -19.42 -13.97
N SER A 28 8.87 -19.49 -13.42
CA SER A 28 7.69 -19.83 -14.19
C SER A 28 6.57 -18.92 -13.71
N PHE A 29 5.67 -18.57 -14.62
CA PHE A 29 4.54 -17.69 -14.29
C PHE A 29 3.81 -18.12 -13.01
N ALA A 30 3.49 -19.40 -12.91
CA ALA A 30 2.78 -19.93 -11.76
C ALA A 30 3.56 -19.77 -10.45
N ALA A 31 4.84 -20.11 -10.49
CA ALA A 31 5.68 -20.01 -9.30
C ALA A 31 5.87 -18.57 -8.82
N LEU A 32 6.11 -17.66 -9.75
CA LEU A 32 6.31 -16.26 -9.39
C LEU A 32 5.02 -15.68 -8.78
N LEU A 33 3.90 -15.84 -9.47
CA LEU A 33 2.65 -15.29 -8.97
C LEU A 33 2.16 -15.93 -7.68
N SER A 34 2.37 -17.24 -7.54
CA SER A 34 1.95 -17.90 -6.30
C SER A 34 2.76 -17.32 -5.15
N SER A 35 4.03 -17.01 -5.39
CA SER A 35 4.88 -16.43 -4.35
C SER A 35 4.43 -15.03 -3.96
N LEU A 36 4.01 -14.24 -4.95
CA LEU A 36 3.52 -12.87 -4.70
C LEU A 36 2.24 -12.88 -3.86
N ASN A 37 1.33 -13.81 -4.18
CA ASN A 37 0.07 -13.91 -3.45
C ASN A 37 0.32 -14.27 -1.99
N GLU A 38 1.26 -15.18 -1.76
CA GLU A 38 1.62 -15.60 -0.41
C GLU A 38 2.25 -14.41 0.31
N LEU A 39 3.10 -13.66 -0.38
CA LEU A 39 3.74 -12.48 0.22
C LEU A 39 2.63 -11.50 0.61
N GLY A 40 1.60 -11.41 -0.22
CA GLY A 40 0.51 -10.49 0.07
C GLY A 40 -0.21 -10.85 1.37
N GLU A 41 -0.46 -12.14 1.55
CA GLU A 41 -1.14 -12.62 2.75
C GLU A 41 -0.29 -12.29 3.98
N ARG A 42 1.02 -12.53 3.88
CA ARG A 42 1.92 -12.26 4.98
C ARG A 42 2.03 -10.78 5.34
N GLN A 43 2.14 -9.93 4.34
CA GLN A 43 2.22 -8.50 4.61
C GLN A 43 0.88 -7.96 5.08
N LEU A 44 -0.20 -8.63 4.70
CA LEU A 44 -1.53 -8.18 5.10
C LEU A 44 -1.68 -8.29 6.61
N VAL A 45 -1.13 -9.37 7.17
CA VAL A 45 -1.16 -9.61 8.61
C VAL A 45 -0.39 -8.49 9.29
N HIS A 46 0.73 -8.09 8.70
CA HIS A 46 1.55 -7.00 9.24
C HIS A 46 0.86 -5.65 9.08
N VAL A 47 0.11 -5.45 8.00
CA VAL A 47 -0.56 -4.16 7.81
C VAL A 47 -1.65 -3.97 8.86
N VAL A 48 -2.30 -5.06 9.25
CA VAL A 48 -3.34 -4.98 10.28
C VAL A 48 -2.77 -4.58 11.64
N LYS A 49 -1.66 -5.19 12.04
CA LYS A 49 -1.02 -4.87 13.32
C LYS A 49 -0.48 -3.42 13.33
N TRP A 50 0.01 -2.96 12.19
CA TRP A 50 0.53 -1.59 12.03
C TRP A 50 -0.61 -0.58 12.14
N ALA A 51 -1.67 -0.83 11.40
CA ALA A 51 -2.84 0.03 11.36
C ALA A 51 -3.46 0.24 12.74
N LYS A 52 -3.68 -0.86 13.46
CA LYS A 52 -4.26 -0.80 14.80
C LYS A 52 -3.47 0.09 15.75
N ALA A 53 -2.19 0.26 15.48
CA ALA A 53 -1.31 1.06 16.32
C ALA A 53 -1.18 2.52 15.86
N LEU A 54 -1.86 2.87 14.77
CA LEU A 54 -1.83 4.22 14.26
C LEU A 54 -2.72 5.12 15.10
N PRO A 55 -2.25 6.33 15.40
CA PRO A 55 -3.02 7.29 16.20
C PRO A 55 -4.41 7.55 15.59
N GLY A 56 -5.44 7.45 16.43
CA GLY A 56 -6.81 7.67 16.01
C GLY A 56 -7.52 6.54 15.28
N PHE A 57 -6.77 5.60 14.71
CA PHE A 57 -7.35 4.49 13.97
C PHE A 57 -8.46 3.69 14.67
N ARG A 58 -8.25 3.38 15.94
CA ARG A 58 -9.23 2.61 16.69
C ARG A 58 -10.48 3.43 17.01
N ASN A 59 -10.46 4.71 16.63
CA ASN A 59 -11.60 5.59 16.85
C ASN A 59 -12.69 5.33 15.82
N LEU A 60 -12.31 4.85 14.64
CA LEU A 60 -13.26 4.55 13.58
C LEU A 60 -14.14 3.39 13.99
N HIS A 61 -15.29 3.27 13.35
CA HIS A 61 -16.19 2.15 13.62
C HIS A 61 -15.49 0.88 13.16
N VAL A 62 -15.72 -0.24 13.84
CA VAL A 62 -15.08 -1.50 13.49
C VAL A 62 -15.28 -1.84 12.01
N ASP A 63 -16.48 -1.60 11.50
CA ASP A 63 -16.78 -1.91 10.10
C ASP A 63 -15.95 -1.02 9.16
N ASP A 64 -15.64 0.19 9.59
CA ASP A 64 -14.87 1.10 8.77
C ASP A 64 -13.38 0.74 8.82
N GLN A 65 -12.94 0.23 9.96
CA GLN A 65 -11.56 -0.19 10.12
C GLN A 65 -11.26 -1.28 9.08
N MET A 66 -12.17 -2.24 8.95
CA MET A 66 -11.97 -3.32 7.99
C MET A 66 -12.09 -2.85 6.55
N ALA A 67 -12.95 -1.84 6.33
CA ALA A 67 -13.14 -1.31 5.00
C ALA A 67 -11.88 -0.62 4.47
N VAL A 68 -11.29 0.28 5.24
CA VAL A 68 -10.09 0.95 4.74
C VAL A 68 -8.95 -0.03 4.51
N ILE A 69 -8.82 -1.04 5.36
CA ILE A 69 -7.75 -2.00 5.18
C ILE A 69 -7.98 -2.81 3.89
N GLN A 70 -9.22 -3.28 3.69
CA GLN A 70 -9.55 -4.06 2.52
C GLN A 70 -9.44 -3.33 1.19
N TYR A 71 -9.67 -2.02 1.19
CA TYR A 71 -9.59 -1.23 -0.02
C TYR A 71 -8.23 -0.62 -0.34
N SER A 72 -7.45 -0.30 0.69
CA SER A 72 -6.17 0.36 0.43
C SER A 72 -4.89 -0.47 0.52
N TRP A 73 -5.00 -1.75 0.85
CA TRP A 73 -3.80 -2.59 0.99
C TRP A 73 -2.88 -2.60 -0.24
N MET A 74 -3.46 -2.66 -1.44
CA MET A 74 -2.66 -2.67 -2.66
C MET A 74 -1.75 -1.44 -2.73
N GLY A 75 -2.37 -0.26 -2.65
CA GLY A 75 -1.64 0.98 -2.71
C GLY A 75 -0.58 1.09 -1.63
N LEU A 76 -0.93 0.74 -0.40
CA LEU A 76 0.02 0.79 0.70
C LEU A 76 1.23 -0.09 0.43
N MET A 77 0.99 -1.34 0.02
CA MET A 77 2.07 -2.29 -0.26
C MET A 77 2.94 -1.91 -1.44
N VAL A 78 2.35 -1.29 -2.46
CA VAL A 78 3.12 -0.87 -3.61
C VAL A 78 4.04 0.30 -3.25
N PHE A 79 3.54 1.21 -2.41
CA PHE A 79 4.34 2.37 -2.00
C PHE A 79 5.53 1.92 -1.17
N ALA A 80 5.29 1.02 -0.21
CA ALA A 80 6.36 0.51 0.64
C ALA A 80 7.38 -0.23 -0.21
N MET A 81 6.89 -1.08 -1.11
CA MET A 81 7.78 -1.83 -2.00
C MET A 81 8.65 -0.87 -2.82
N GLY A 82 8.05 0.24 -3.23
CA GLY A 82 8.79 1.23 -4.01
C GLY A 82 9.93 1.83 -3.22
N TRP A 83 9.69 2.05 -1.92
CA TRP A 83 10.69 2.61 -1.02
C TRP A 83 11.80 1.61 -0.78
N ARG A 84 11.44 0.34 -0.60
CA ARG A 84 12.44 -0.71 -0.38
C ARG A 84 13.36 -0.83 -1.58
N SER A 85 12.78 -0.72 -2.78
CA SER A 85 13.56 -0.83 -4.00
C SER A 85 14.59 0.30 -4.10
N PHE A 86 14.14 1.49 -3.76
CA PHE A 86 14.97 2.68 -3.79
C PHE A 86 16.14 2.58 -2.84
N THR A 87 15.84 2.33 -1.57
CA THR A 87 16.87 2.25 -0.55
C THR A 87 17.80 1.04 -0.67
N ASN A 88 17.28 -0.08 -1.16
CA ASN A 88 18.08 -1.31 -1.27
C ASN A 88 18.87 -1.47 -2.56
N VAL A 89 18.18 -1.45 -3.70
CA VAL A 89 18.84 -1.61 -4.99
C VAL A 89 18.81 -0.35 -5.85
N ASN A 90 18.60 0.79 -5.22
CA ASN A 90 18.53 2.08 -5.91
C ASN A 90 17.60 2.04 -7.12
N SER A 91 16.41 1.47 -6.92
CA SER A 91 15.39 1.37 -7.96
C SER A 91 15.82 0.54 -9.18
N ARG A 92 16.97 -0.11 -9.11
CA ARG A 92 17.44 -0.92 -10.22
C ARG A 92 16.50 -2.09 -10.48
N MET A 93 15.96 -2.67 -9.41
CA MET A 93 15.03 -3.78 -9.52
C MET A 93 13.89 -3.60 -8.52
N LEU A 94 12.89 -4.46 -8.61
CA LEU A 94 11.74 -4.40 -7.70
C LEU A 94 11.97 -5.34 -6.51
N TYR A 95 12.22 -4.74 -5.35
CA TYR A 95 12.49 -5.48 -4.12
C TYR A 95 11.20 -5.81 -3.37
N PHE A 96 10.47 -6.82 -3.86
CA PHE A 96 9.23 -7.24 -3.21
C PHE A 96 9.53 -7.82 -1.81
N ALA A 97 10.55 -8.66 -1.75
CA ALA A 97 10.99 -9.28 -0.51
C ALA A 97 12.45 -9.71 -0.70
N PRO A 98 13.17 -10.02 0.39
CA PRO A 98 14.58 -10.42 0.30
C PRO A 98 14.76 -11.64 -0.60
N ASP A 99 13.80 -12.56 -0.53
CA ASP A 99 13.83 -13.78 -1.33
C ASP A 99 12.97 -13.67 -2.59
N LEU A 100 12.57 -12.44 -2.93
CA LEU A 100 11.76 -12.23 -4.11
C LEU A 100 12.07 -10.88 -4.74
N VAL A 101 13.20 -10.83 -5.43
CA VAL A 101 13.65 -9.61 -6.11
C VAL A 101 13.46 -9.79 -7.60
N PHE A 102 12.71 -8.88 -8.21
CA PHE A 102 12.43 -8.96 -9.63
C PHE A 102 13.41 -8.20 -10.52
N ASN A 103 13.94 -8.90 -11.51
CA ASN A 103 14.82 -8.29 -12.50
C ASN A 103 13.95 -8.21 -13.75
N GLU A 104 14.47 -7.62 -14.83
CA GLU A 104 13.71 -7.47 -16.07
C GLU A 104 13.12 -8.79 -16.57
N TYR A 105 13.89 -9.86 -16.39
CA TYR A 105 13.46 -11.19 -16.83
C TYR A 105 12.23 -11.71 -16.07
N ARG A 106 12.18 -11.46 -14.78
CA ARG A 106 11.05 -11.89 -13.97
C ARG A 106 9.84 -10.99 -14.24
N MET A 107 10.10 -9.70 -14.49
CA MET A 107 9.04 -8.77 -14.80
C MET A 107 8.28 -9.28 -16.03
N HIS A 108 9.01 -9.85 -16.98
CA HIS A 108 8.40 -10.37 -18.20
C HIS A 108 7.69 -11.71 -17.95
N LYS A 109 8.34 -12.58 -17.19
CA LYS A 109 7.79 -13.89 -16.86
C LYS A 109 6.48 -13.83 -16.06
N SER A 110 6.32 -12.76 -15.28
CA SER A 110 5.13 -12.57 -14.44
C SER A 110 3.94 -12.12 -15.26
N ARG A 111 4.19 -11.81 -16.53
CA ARG A 111 3.17 -11.35 -17.46
C ARG A 111 2.57 -10.01 -17.04
N MET A 112 3.32 -9.25 -16.25
CA MET A 112 2.84 -7.94 -15.82
C MET A 112 3.99 -6.95 -15.90
N TYR A 113 4.66 -6.97 -17.05
CA TYR A 113 5.79 -6.10 -17.29
C TYR A 113 5.41 -4.62 -17.28
N SER A 114 4.30 -4.26 -17.93
CA SER A 114 3.89 -2.85 -17.97
C SER A 114 3.64 -2.31 -16.57
N GLN A 115 2.94 -3.08 -15.75
CA GLN A 115 2.66 -2.65 -14.39
C GLN A 115 3.98 -2.55 -13.61
N CYS A 116 4.90 -3.49 -13.83
CA CYS A 116 6.18 -3.43 -13.13
C CYS A 116 6.98 -2.18 -13.49
N VAL A 117 6.89 -1.77 -14.76
CA VAL A 117 7.60 -0.58 -15.25
C VAL A 117 7.12 0.67 -14.51
N ARG A 118 5.82 0.75 -14.24
CA ARG A 118 5.30 1.91 -13.54
C ARG A 118 5.75 1.87 -12.08
N MET A 119 5.77 0.67 -11.48
CA MET A 119 6.22 0.56 -10.10
C MET A 119 7.69 0.96 -9.97
N ARG A 120 8.52 0.56 -10.94
CA ARG A 120 9.93 0.91 -10.90
C ARG A 120 10.06 2.43 -11.00
N HIS A 121 9.23 3.03 -11.84
CA HIS A 121 9.24 4.47 -12.04
C HIS A 121 8.91 5.21 -10.73
N LEU A 122 7.87 4.76 -10.05
CA LEU A 122 7.47 5.35 -8.77
C LEU A 122 8.66 5.30 -7.82
N SER A 123 9.34 4.17 -7.82
CA SER A 123 10.51 3.95 -6.99
C SER A 123 11.59 4.98 -7.29
N GLN A 124 11.76 5.30 -8.57
CA GLN A 124 12.75 6.28 -8.99
C GLN A 124 12.39 7.69 -8.52
N GLU A 125 11.10 7.95 -8.36
CA GLU A 125 10.65 9.25 -7.90
C GLU A 125 11.20 9.54 -6.52
N PHE A 126 11.31 8.51 -5.67
CA PHE A 126 11.82 8.71 -4.32
C PHE A 126 13.20 9.34 -4.36
N GLY A 127 13.97 9.00 -5.40
CA GLY A 127 15.29 9.55 -5.57
C GLY A 127 15.28 10.91 -6.26
N TRP A 128 14.46 11.06 -7.31
CA TRP A 128 14.38 12.33 -8.02
C TRP A 128 13.86 13.48 -7.15
N LEU A 129 13.00 13.16 -6.19
CA LEU A 129 12.43 14.17 -5.28
C LEU A 129 13.17 14.22 -3.94
N GLN A 130 14.13 13.32 -3.75
CA GLN A 130 14.87 13.26 -2.50
C GLN A 130 13.91 13.08 -1.33
N ILE A 131 13.01 12.10 -1.42
CA ILE A 131 12.05 11.85 -0.35
C ILE A 131 12.80 11.40 0.89
N THR A 132 12.54 12.04 2.02
CA THR A 132 13.19 11.67 3.26
C THR A 132 12.38 10.56 3.95
N PRO A 133 13.03 9.79 4.83
CA PRO A 133 12.41 8.70 5.58
C PRO A 133 11.18 9.15 6.35
N GLN A 134 11.24 10.37 6.88
CA GLN A 134 10.13 10.93 7.65
C GLN A 134 8.95 11.22 6.74
N GLU A 135 9.22 11.82 5.58
CA GLU A 135 8.17 12.13 4.60
C GLU A 135 7.56 10.82 4.09
N PHE A 136 8.40 9.80 3.92
CA PHE A 136 7.92 8.50 3.45
C PHE A 136 6.90 7.93 4.43
N LEU A 137 7.28 7.87 5.71
CA LEU A 137 6.40 7.35 6.76
C LEU A 137 5.02 8.02 6.81
N CYS A 138 5.00 9.35 6.74
CA CYS A 138 3.74 10.10 6.79
C CYS A 138 2.87 9.90 5.55
N MET A 139 3.51 9.78 4.38
CA MET A 139 2.76 9.56 3.16
C MET A 139 2.11 8.18 3.16
N LYS A 140 2.84 7.17 3.64
CA LYS A 140 2.29 5.83 3.67
C LYS A 140 1.09 5.75 4.59
N ALA A 141 1.16 6.44 5.72
CA ALA A 141 0.04 6.46 6.66
C ALA A 141 -1.18 7.10 5.99
N LEU A 142 -0.96 8.22 5.29
CA LEU A 142 -2.04 8.91 4.60
C LEU A 142 -2.69 8.01 3.54
N LEU A 143 -1.90 7.10 2.96
CA LEU A 143 -2.41 6.19 1.95
C LEU A 143 -3.49 5.22 2.48
N LEU A 144 -3.52 4.99 3.79
CA LEU A 144 -4.52 4.11 4.38
C LEU A 144 -5.89 4.78 4.41
N PHE A 145 -5.88 6.10 4.29
CA PHE A 145 -7.11 6.88 4.31
C PHE A 145 -7.34 7.57 2.97
N SER A 146 -6.93 6.93 1.88
CA SER A 146 -7.08 7.53 0.56
C SER A 146 -8.05 6.85 -0.40
N ILE A 147 -8.83 5.89 0.09
CA ILE A 147 -9.80 5.22 -0.78
C ILE A 147 -11.03 4.76 -0.01
N ILE A 148 -12.20 5.25 -0.44
CA ILE A 148 -13.47 4.92 0.21
C ILE A 148 -14.65 4.83 -0.75
N PRO A 149 -15.75 4.18 -0.33
CA PRO A 149 -16.94 4.03 -1.18
C PRO A 149 -17.65 5.36 -1.39
N VAL A 150 -18.30 5.50 -2.55
CA VAL A 150 -19.03 6.72 -2.87
C VAL A 150 -20.19 6.93 -1.90
N ASP A 151 -20.78 5.84 -1.40
CA ASP A 151 -21.89 5.94 -0.45
C ASP A 151 -21.42 6.29 0.94
N GLY A 152 -20.12 6.54 1.10
CA GLY A 152 -19.58 6.90 2.40
C GLY A 152 -19.48 5.72 3.37
N LEU A 153 -18.70 5.92 4.43
CA LEU A 153 -18.48 4.91 5.46
C LEU A 153 -19.56 5.00 6.52
N LYS A 154 -19.59 4.05 7.45
CA LYS A 154 -20.58 4.07 8.53
C LYS A 154 -20.47 5.39 9.28
N ASN A 155 -19.23 5.77 9.61
CA ASN A 155 -18.99 7.00 10.34
C ASN A 155 -18.02 7.90 9.56
N GLN A 156 -18.51 8.45 8.46
CA GLN A 156 -17.73 9.33 7.59
C GLN A 156 -17.09 10.51 8.31
N LYS A 157 -17.79 11.06 9.29
CA LYS A 157 -17.28 12.22 10.02
C LYS A 157 -15.95 11.95 10.73
N PHE A 158 -15.88 10.85 11.47
CA PHE A 158 -14.65 10.48 12.18
C PHE A 158 -13.50 10.26 11.19
N PHE A 159 -13.83 9.65 10.06
CA PHE A 159 -12.81 9.40 9.04
C PHE A 159 -12.26 10.70 8.46
N ASP A 160 -13.13 11.64 8.16
CA ASP A 160 -12.70 12.93 7.60
C ASP A 160 -11.78 13.68 8.54
N GLU A 161 -12.08 13.64 9.83
CA GLU A 161 -11.26 14.31 10.84
C GLU A 161 -9.89 13.65 10.93
N LEU A 162 -9.88 12.32 10.90
CA LEU A 162 -8.65 11.54 10.97
C LEU A 162 -7.76 11.85 9.77
N ARG A 163 -8.32 11.79 8.56
CA ARG A 163 -7.56 12.07 7.35
C ARG A 163 -7.05 13.51 7.34
N MET A 164 -7.84 14.43 7.87
CA MET A 164 -7.45 15.84 7.92
C MET A 164 -6.23 16.04 8.81
N ASN A 165 -6.19 15.31 9.93
CA ASN A 165 -5.07 15.44 10.85
C ASN A 165 -3.77 14.90 10.26
N TYR A 166 -3.86 13.80 9.52
CA TYR A 166 -2.69 13.21 8.89
C TYR A 166 -2.12 14.11 7.78
N ILE A 167 -2.99 14.83 7.07
CA ILE A 167 -2.51 15.74 6.03
C ILE A 167 -1.77 16.87 6.73
N LYS A 168 -2.31 17.31 7.87
CA LYS A 168 -1.73 18.38 8.66
C LYS A 168 -0.31 18.03 9.09
N GLU A 169 -0.12 16.79 9.55
CA GLU A 169 1.18 16.32 9.99
C GLU A 169 2.18 16.34 8.85
N LEU A 170 1.74 15.92 7.67
CA LEU A 170 2.61 15.90 6.52
C LEU A 170 3.09 17.32 6.24
N ASP A 171 2.19 18.26 6.47
CA ASP A 171 2.44 19.68 6.28
C ASP A 171 3.49 20.13 7.31
N ARG A 172 3.41 19.57 8.51
CA ARG A 172 4.36 19.90 9.57
C ARG A 172 5.78 19.46 9.19
N ILE A 173 5.92 18.23 8.68
CA ILE A 173 7.23 17.72 8.28
C ILE A 173 7.87 18.58 7.19
N ILE A 174 7.02 19.15 6.33
CA ILE A 174 7.49 20.00 5.24
C ILE A 174 7.74 21.42 5.74
N ALA A 175 6.83 21.94 6.57
CA ALA A 175 6.95 23.30 7.10
C ALA A 175 8.20 23.50 7.93
N CYS A 176 8.48 22.57 8.83
CA CYS A 176 9.66 22.67 9.68
C CYS A 176 10.94 22.55 8.87
N LYS A 177 11.98 23.24 9.33
CA LYS A 177 13.29 23.24 8.68
C LYS A 177 13.21 23.85 7.27
N ARG A 178 12.29 24.79 7.09
CA ARG A 178 12.11 25.44 5.80
C ARG A 178 11.47 26.81 5.98
N LYS A 179 12.29 27.86 5.89
CA LYS A 179 11.81 29.23 6.06
C LYS A 179 11.02 29.74 4.85
N ASN A 180 11.62 29.61 3.67
CA ASN A 180 10.98 30.06 2.44
C ASN A 180 9.62 29.40 2.23
N PRO A 181 8.54 30.20 2.26
CA PRO A 181 7.18 29.70 2.07
C PRO A 181 6.93 29.14 0.68
N THR A 182 7.63 29.69 -0.31
CA THR A 182 7.49 29.25 -1.69
C THR A 182 8.00 27.82 -1.83
N SER A 183 9.02 27.48 -1.05
CA SER A 183 9.58 26.14 -1.11
C SER A 183 8.68 25.13 -0.39
N CYS A 184 7.93 25.57 0.62
CA CYS A 184 7.03 24.70 1.35
C CYS A 184 5.87 24.31 0.43
N SER A 185 5.29 25.32 -0.19
CA SER A 185 4.17 25.13 -1.10
C SER A 185 4.60 24.24 -2.25
N ARG A 186 5.82 24.47 -2.74
CA ARG A 186 6.35 23.66 -3.83
C ARG A 186 6.52 22.20 -3.41
N ARG A 187 6.99 21.99 -2.19
CA ARG A 187 7.20 20.64 -1.67
C ARG A 187 5.88 19.89 -1.49
N PHE A 188 4.87 20.55 -0.92
CA PHE A 188 3.57 19.92 -0.70
C PHE A 188 2.97 19.54 -2.03
N TYR A 189 3.14 20.40 -3.02
CA TYR A 189 2.62 20.15 -4.35
C TYR A 189 3.25 18.88 -4.91
N GLN A 190 4.57 18.77 -4.81
CA GLN A 190 5.28 17.60 -5.33
C GLN A 190 4.87 16.29 -4.63
N LEU A 191 4.77 16.32 -3.30
CA LEU A 191 4.40 15.12 -2.55
C LEU A 191 2.97 14.68 -2.78
N THR A 192 2.05 15.64 -2.93
CA THR A 192 0.66 15.27 -3.19
C THR A 192 0.55 14.64 -4.58
N LYS A 193 1.35 15.13 -5.51
CA LYS A 193 1.41 14.60 -6.86
C LYS A 193 1.91 13.14 -6.79
N LEU A 194 2.95 12.93 -5.99
CA LEU A 194 3.51 11.59 -5.82
C LEU A 194 2.45 10.63 -5.26
N LEU A 195 1.75 11.05 -4.20
CA LEU A 195 0.70 10.21 -3.62
C LEU A 195 -0.41 9.85 -4.63
N ASP A 196 -0.81 10.82 -5.46
CA ASP A 196 -1.85 10.60 -6.47
C ASP A 196 -1.42 9.60 -7.55
N SER A 197 -0.12 9.57 -7.88
CA SER A 197 0.36 8.67 -8.92
C SER A 197 0.35 7.21 -8.47
N VAL A 198 0.12 6.98 -7.18
CA VAL A 198 0.08 5.62 -6.67
C VAL A 198 -1.24 4.95 -7.07
N GLN A 199 -2.32 5.73 -7.05
CA GLN A 199 -3.66 5.22 -7.37
C GLN A 199 -3.83 4.56 -8.75
N PRO A 200 -3.31 5.19 -9.82
CA PRO A 200 -3.45 4.57 -11.14
C PRO A 200 -2.75 3.20 -11.19
N ILE A 201 -1.61 3.12 -10.51
CA ILE A 201 -0.85 1.87 -10.45
C ILE A 201 -1.63 0.79 -9.68
N ALA A 202 -2.23 1.17 -8.56
CA ALA A 202 -3.00 0.20 -7.78
C ALA A 202 -4.20 -0.33 -8.57
N ARG A 203 -4.87 0.55 -9.32
CA ARG A 203 -6.01 0.11 -10.10
C ARG A 203 -5.63 -0.95 -11.15
N GLU A 204 -4.50 -0.73 -11.82
CA GLU A 204 -4.04 -1.69 -12.82
C GLU A 204 -3.73 -3.05 -12.16
N LEU A 205 -3.14 -3.00 -10.97
CA LEU A 205 -2.83 -4.22 -10.25
C LEU A 205 -4.11 -4.90 -9.76
N HIS A 206 -5.13 -4.11 -9.45
CA HIS A 206 -6.41 -4.66 -9.01
C HIS A 206 -7.05 -5.45 -10.14
N GLN A 207 -7.07 -4.85 -11.33
CA GLN A 207 -7.65 -5.48 -12.51
C GLN A 207 -6.92 -6.79 -12.81
N PHE A 208 -5.59 -6.75 -12.72
CA PHE A 208 -4.77 -7.92 -13.00
C PHE A 208 -5.01 -9.06 -12.01
N THR A 209 -5.02 -8.75 -10.72
CA THR A 209 -5.23 -9.81 -9.74
C THR A 209 -6.65 -10.38 -9.84
N PHE A 210 -7.62 -9.51 -10.10
CA PHE A 210 -8.99 -9.95 -10.22
C PHE A 210 -9.14 -10.96 -11.37
N ASP A 211 -8.57 -10.65 -12.53
CA ASP A 211 -8.63 -11.55 -13.68
C ASP A 211 -7.91 -12.86 -13.39
N LEU A 212 -6.77 -12.80 -12.72
CA LEU A 212 -6.03 -14.00 -12.38
C LEU A 212 -6.82 -14.89 -11.42
N LEU A 213 -7.56 -14.27 -10.51
CA LEU A 213 -8.36 -15.04 -9.55
C LEU A 213 -9.40 -15.87 -10.30
N ILE A 214 -10.07 -15.25 -11.25
CA ILE A 214 -11.09 -15.93 -12.05
C ILE A 214 -10.56 -17.16 -12.79
N LYS A 215 -9.34 -17.09 -13.30
CA LYS A 215 -8.75 -18.21 -14.03
C LYS A 215 -7.57 -18.86 -13.31
N SER A 216 -7.54 -18.73 -11.99
CA SER A 216 -6.46 -19.29 -11.18
C SER A 216 -6.36 -20.80 -11.29
N HIS A 217 -7.50 -21.47 -11.47
CA HIS A 217 -7.53 -22.93 -11.57
C HIS A 217 -6.92 -23.44 -12.88
N MET A 218 -6.77 -22.54 -13.86
CA MET A 218 -6.22 -22.92 -15.16
C MET A 218 -4.72 -22.70 -15.26
N VAL A 219 -4.22 -21.70 -14.54
CA VAL A 219 -2.80 -21.39 -14.58
C VAL A 219 -2.02 -21.99 -13.40
N SER A 220 -2.71 -22.75 -12.57
CA SER A 220 -2.08 -23.39 -11.42
C SER A 220 -1.54 -22.37 -10.40
N VAL A 221 -2.27 -21.27 -10.22
CA VAL A 221 -1.86 -20.24 -9.27
C VAL A 221 -2.73 -20.29 -8.03
N ASP A 222 -2.11 -20.31 -6.86
CA ASP A 222 -2.83 -20.37 -5.60
C ASP A 222 -3.03 -19.01 -4.93
N PHE A 223 -4.21 -18.82 -4.37
CA PHE A 223 -4.56 -17.59 -3.66
C PHE A 223 -4.88 -17.93 -2.20
N PRO A 224 -4.18 -17.28 -1.26
CA PRO A 224 -4.42 -17.51 0.17
C PRO A 224 -5.87 -17.23 0.54
N GLU A 225 -6.27 -17.72 1.71
CA GLU A 225 -7.63 -17.56 2.22
C GLU A 225 -8.15 -16.13 2.21
N MET A 226 -7.52 -15.25 2.97
CA MET A 226 -7.96 -13.85 3.04
C MET A 226 -7.88 -13.15 1.69
N MET A 227 -6.83 -13.43 0.93
CA MET A 227 -6.63 -12.81 -0.37
C MET A 227 -7.78 -13.11 -1.33
N ALA A 228 -8.09 -14.39 -1.47
CA ALA A 228 -9.16 -14.81 -2.37
C ALA A 228 -10.50 -14.17 -2.03
N GLU A 229 -10.75 -13.96 -0.74
CA GLU A 229 -12.02 -13.37 -0.34
C GLU A 229 -12.07 -11.85 -0.58
N ILE A 230 -10.96 -11.16 -0.32
CA ILE A 230 -10.90 -9.73 -0.50
C ILE A 230 -11.02 -9.36 -1.98
N ILE A 231 -10.30 -10.08 -2.82
CA ILE A 231 -10.29 -9.85 -4.27
C ILE A 231 -11.63 -10.17 -4.95
N SER A 232 -12.35 -11.15 -4.43
CA SER A 232 -13.64 -11.52 -5.01
C SER A 232 -14.81 -10.67 -4.47
N VAL A 233 -14.62 -10.07 -3.30
CA VAL A 233 -15.69 -9.25 -2.73
C VAL A 233 -15.40 -7.75 -2.72
N GLN A 234 -14.22 -7.36 -2.24
CA GLN A 234 -13.87 -5.95 -2.16
C GLN A 234 -13.35 -5.31 -3.44
N VAL A 235 -12.36 -5.94 -4.07
CA VAL A 235 -11.78 -5.41 -5.30
C VAL A 235 -12.83 -5.12 -6.38
N PRO A 236 -13.81 -6.02 -6.58
CA PRO A 236 -14.82 -5.74 -7.59
C PRO A 236 -15.53 -4.39 -7.37
N LYS A 237 -15.78 -4.03 -6.11
CA LYS A 237 -16.43 -2.75 -5.82
C LYS A 237 -15.57 -1.58 -6.30
N ILE A 238 -14.25 -1.79 -6.33
CA ILE A 238 -13.34 -0.75 -6.79
C ILE A 238 -13.42 -0.65 -8.32
N LEU A 239 -13.40 -1.81 -8.96
CA LEU A 239 -13.45 -1.90 -10.42
C LEU A 239 -14.81 -1.48 -11.03
N SER A 240 -15.88 -1.56 -10.24
CA SER A 240 -17.21 -1.17 -10.72
C SER A 240 -17.55 0.28 -10.40
N GLY A 241 -16.59 0.99 -9.82
CA GLY A 241 -16.79 2.38 -9.47
C GLY A 241 -17.48 2.69 -8.17
N LYS A 242 -17.84 1.66 -7.39
CA LYS A 242 -18.52 1.88 -6.12
C LYS A 242 -17.60 2.46 -5.03
N VAL A 243 -16.32 2.14 -5.12
CA VAL A 243 -15.32 2.62 -4.18
C VAL A 243 -14.30 3.36 -5.03
N LYS A 244 -13.94 4.57 -4.64
CA LYS A 244 -13.00 5.36 -5.43
C LYS A 244 -11.92 6.01 -4.59
N PRO A 245 -10.74 6.20 -5.19
CA PRO A 245 -9.65 6.84 -4.45
C PRO A 245 -9.91 8.33 -4.31
N ILE A 246 -9.23 8.94 -3.33
CA ILE A 246 -9.34 10.37 -3.07
C ILE A 246 -8.09 11.03 -3.61
N TYR A 247 -8.24 11.83 -4.65
CA TYR A 247 -7.10 12.52 -5.25
C TYR A 247 -7.02 13.95 -4.74
N PHE A 248 -5.80 14.47 -4.61
CA PHE A 248 -5.59 15.84 -4.19
C PHE A 248 -5.84 16.75 -5.37
N HIS A 249 -5.44 16.29 -6.55
CA HIS A 249 -5.59 17.07 -7.76
C HIS A 249 -6.60 16.38 -8.68
N THR A 250 -6.90 16.99 -9.82
CA THR A 250 -7.87 16.40 -10.75
C THR A 250 -7.19 16.02 -12.07
N LYS B 1 -17.41 -9.68 11.42
CA LYS B 1 -17.71 -9.21 10.08
C LYS B 1 -17.55 -10.30 9.02
N GLU B 2 -17.87 -9.94 7.78
CA GLU B 2 -17.78 -10.87 6.65
C GLU B 2 -16.46 -11.65 6.63
N ASN B 3 -15.36 -10.96 6.34
CA ASN B 3 -14.07 -11.61 6.32
C ASN B 3 -13.76 -12.04 7.76
N ALA B 4 -14.20 -13.24 8.12
CA ALA B 4 -13.99 -13.75 9.47
C ALA B 4 -12.52 -13.66 9.92
N LEU B 5 -11.61 -14.17 9.09
CA LEU B 5 -10.19 -14.16 9.43
C LEU B 5 -9.66 -12.75 9.69
N LEU B 6 -9.92 -11.85 8.76
CA LEU B 6 -9.47 -10.48 8.90
C LEU B 6 -10.07 -9.86 10.16
N ARG B 7 -11.36 -10.09 10.39
CA ARG B 7 -12.03 -9.55 11.56
C ARG B 7 -11.35 -10.04 12.83
N TYR B 8 -10.91 -11.29 12.83
CA TYR B 8 -10.24 -11.86 13.98
C TYR B 8 -8.90 -11.15 14.23
N LEU B 9 -8.17 -10.89 13.14
CA LEU B 9 -6.88 -10.22 13.24
C LEU B 9 -7.00 -8.81 13.83
N LEU B 10 -8.15 -8.16 13.63
CA LEU B 10 -8.37 -6.82 14.15
C LEU B 10 -8.70 -6.79 15.65
N ASP B 11 -9.57 -7.69 16.09
CA ASP B 11 -9.95 -7.71 17.50
C ASP B 11 -9.02 -8.53 18.39
N LYS B 12 -8.09 -9.26 17.79
CA LYS B 12 -7.15 -10.07 18.55
C LYS B 12 -6.00 -9.19 19.03
N ASP B 13 -5.62 -9.34 20.30
CA ASP B 13 -4.53 -8.56 20.85
C ASP B 13 -3.19 -9.20 20.51
N ASP B 14 -2.23 -8.36 20.12
CA ASP B 14 -0.91 -8.83 19.73
C ASP B 14 0.19 -7.92 20.27
C1 DHT C . 2.85 -8.11 -2.57
C2 DHT C . 3.50 -7.19 -1.53
C3 DHT C . 4.33 -6.13 -2.34
O3 DHT C . 5.51 -5.96 -2.01
C4 DHT C . 3.68 -5.42 -3.46
C5 DHT C . 3.05 -6.40 -4.49
C6 DHT C . 2.34 -5.69 -5.68
C7 DHT C . 1.77 -6.74 -6.66
C8 DHT C . 0.78 -7.74 -5.98
C9 DHT C . 1.50 -8.43 -4.77
C10 DHT C . 2.06 -7.41 -3.71
C11 DHT C . 0.50 -9.46 -4.14
C12 DHT C . -0.13 -10.49 -5.08
C13 DHT C . -0.74 -9.83 -6.34
C14 DHT C . 0.29 -8.80 -6.96
C15 DHT C . -0.45 -8.33 -8.22
C16 DHT C . -0.97 -9.66 -8.80
C17 DHT C . -0.93 -10.67 -7.60
O17 DHT C . -2.14 -11.43 -7.59
C18 DHT C . -2.10 -9.12 -5.94
C19 DHT C . 0.85 -6.59 -3.09
#